data_3EDI
#
_entry.id   3EDI
#
_cell.length_a   41.281
_cell.length_b   58.923
_cell.length_c   47.444
_cell.angle_alpha   90.000
_cell.angle_beta   104.620
_cell.angle_gamma   90.000
#
_symmetry.space_group_name_H-M   'P 1 21 1'
#
loop_
_entity.id
_entity.type
_entity.pdbx_description
1 polymer 'Tolloid-like protein 1'
2 non-polymer 'ACETYL GROUP'
3 non-polymer 'ZINC ION'
4 non-polymer 'SULFATE ION'
5 non-polymer 'DIMETHYL SULFOXIDE'
6 water water
#
_entity_poly.entity_id   1
_entity_poly.type   'polypeptide(L)'
_entity_poly.pdbx_seq_one_letter_code
;AATSRTERIWPGGVIPYVIGGNFTGSQRAMFKQAMRHWEKHTCVTFIERSDEESYIVFTYRPCGCCSYVGRRGNGPQAIS
IGKNCDKFGIVVHELGHVIGFWHEHTRPDRDNHVTIIRENIQPGQEYNFLKMEPGEVNSLGERYDFDSIMHYARNTFSRG
MFLDTILPSRDDNGIRPAIGQRTRLSKGDIAQARKLYRCPA
;
_entity_poly.pdbx_strand_id   A
#
# COMPACT_ATOMS: atom_id res chain seq x y z
N ALA A 1 6.95 -4.15 -1.58
CA ALA A 1 7.75 -3.30 -0.69
C ALA A 1 7.32 -3.47 0.79
N ALA A 2 7.42 -4.70 1.28
CA ALA A 2 7.04 -4.99 2.66
C ALA A 2 8.09 -4.46 3.62
N THR A 3 7.69 -3.77 4.68
CA THR A 3 8.68 -3.34 5.69
C THR A 3 9.52 -4.53 6.20
N SER A 4 10.83 -4.30 6.36
CA SER A 4 11.69 -5.34 6.96
C SER A 4 11.70 -5.24 8.49
N ARG A 5 10.99 -4.25 9.06
CA ARG A 5 11.23 -3.91 10.45
C ARG A 5 10.20 -4.55 11.38
N THR A 6 10.67 -5.44 12.27
CA THR A 6 9.80 -6.16 13.22
CA THR A 6 9.77 -6.17 13.19
C THR A 6 8.97 -5.20 14.06
N GLU A 7 9.58 -4.08 14.46
CA GLU A 7 8.84 -3.11 15.32
C GLU A 7 7.65 -2.46 14.62
N ARG A 8 7.62 -2.50 13.29
CA ARG A 8 6.52 -1.87 12.55
C ARG A 8 5.37 -2.83 12.25
N ILE A 9 5.56 -4.07 12.62
CA ILE A 9 4.51 -5.10 12.40
C ILE A 9 3.58 -5.08 13.60
N TRP A 10 2.26 -5.10 13.35
CA TRP A 10 1.31 -5.06 14.46
C TRP A 10 1.31 -6.39 15.23
N PRO A 11 1.65 -6.36 16.54
CA PRO A 11 1.77 -7.62 17.29
C PRO A 11 0.49 -8.41 17.24
N GLY A 12 0.66 -9.72 17.00
CA GLY A 12 -0.47 -10.64 16.96
C GLY A 12 -1.38 -10.48 15.77
N GLY A 13 -0.99 -9.63 14.79
CA GLY A 13 -1.87 -9.33 13.64
C GLY A 13 -3.12 -8.50 13.95
N VAL A 14 -3.20 -7.91 15.12
CA VAL A 14 -4.40 -7.20 15.53
C VAL A 14 -4.14 -5.70 15.39
N ILE A 15 -5.08 -5.03 14.71
CA ILE A 15 -4.98 -3.60 14.47
C ILE A 15 -6.22 -2.90 15.08
N PRO A 16 -6.05 -2.24 16.24
CA PRO A 16 -7.21 -1.56 16.85
C PRO A 16 -7.50 -0.30 16.04
N TYR A 17 -8.78 0.08 15.95
CA TYR A 17 -9.15 1.27 15.19
C TYR A 17 -10.25 2.07 15.88
N VAL A 18 -10.31 3.35 15.49
CA VAL A 18 -11.44 4.22 15.81
C VAL A 18 -11.87 4.89 14.49
N ILE A 19 -13.18 4.91 14.23
CA ILE A 19 -13.71 5.70 13.11
C ILE A 19 -14.37 6.95 13.71
N GLY A 20 -13.88 8.09 13.27
CA GLY A 20 -14.44 9.41 13.63
C GLY A 20 -15.96 9.49 13.59
N GLY A 21 -16.54 10.28 14.51
CA GLY A 21 -17.97 10.45 14.53
C GLY A 21 -18.51 11.33 13.39
N ASN A 22 -17.63 11.92 12.60
CA ASN A 22 -18.05 12.83 11.50
C ASN A 22 -18.41 12.11 10.20
N PHE A 23 -17.98 10.86 10.08
CA PHE A 23 -18.21 10.14 8.83
C PHE A 23 -19.67 9.71 8.75
N THR A 24 -20.20 9.72 7.54
CA THR A 24 -21.58 9.23 7.30
C THR A 24 -21.65 7.71 7.50
N GLY A 25 -22.88 7.20 7.66
CA GLY A 25 -23.12 5.76 7.70
C GLY A 25 -22.52 5.06 6.49
N SER A 26 -22.61 5.69 5.33
CA SER A 26 -22.09 5.13 4.10
C SER A 26 -20.56 5.02 4.12
N GLN A 27 -19.92 6.11 4.57
CA GLN A 27 -18.44 6.11 4.65
C GLN A 27 -17.96 5.11 5.70
N ARG A 28 -18.61 5.06 6.88
CA ARG A 28 -18.24 4.07 7.89
C ARG A 28 -18.35 2.64 7.37
N ALA A 29 -19.44 2.34 6.66
CA ALA A 29 -19.65 0.99 6.15
C ALA A 29 -18.55 0.65 5.12
N MET A 30 -18.17 1.64 4.33
CA MET A 30 -17.11 1.45 3.35
C MET A 30 -15.76 1.17 4.02
N PHE A 31 -15.43 1.92 5.08
CA PHE A 31 -14.16 1.64 5.83
C PHE A 31 -14.16 0.21 6.33
N LYS A 32 -15.31 -0.23 6.87
CA LYS A 32 -15.41 -1.60 7.38
C LYS A 32 -15.28 -2.64 6.26
N GLN A 33 -15.87 -2.36 5.07
CA GLN A 33 -15.67 -3.27 3.93
C GLN A 33 -14.18 -3.36 3.55
N ALA A 34 -13.47 -2.24 3.53
CA ALA A 34 -12.06 -2.26 3.16
C ALA A 34 -11.25 -3.05 4.22
N MET A 35 -11.53 -2.80 5.51
CA MET A 35 -10.88 -3.61 6.54
C MET A 35 -11.19 -5.10 6.37
N ARG A 36 -12.46 -5.41 6.13
CA ARG A 36 -12.86 -6.80 5.99
C ARG A 36 -12.15 -7.47 4.78
N HIS A 37 -11.92 -6.71 3.70
CA HIS A 37 -11.27 -7.29 2.52
C HIS A 37 -9.86 -7.77 2.85
N TRP A 38 -9.13 -7.01 3.65
CA TRP A 38 -7.81 -7.46 4.11
C TRP A 38 -7.97 -8.66 5.07
N GLU A 39 -8.95 -8.60 5.99
CA GLU A 39 -9.10 -9.68 6.97
C GLU A 39 -9.38 -11.02 6.31
N LYS A 40 -10.29 -11.03 5.33
CA LYS A 40 -10.83 -12.28 4.82
C LYS A 40 -9.70 -13.11 4.17
N HIS A 41 -8.66 -12.41 3.68
CA HIS A 41 -7.61 -13.05 2.90
C HIS A 41 -6.32 -13.28 3.65
N THR A 42 -6.24 -12.80 4.91
CA THR A 42 -5.01 -12.89 5.68
C THR A 42 -5.31 -13.20 7.16
N CYS A 43 -4.28 -13.17 8.00
CA CYS A 43 -4.45 -13.32 9.44
C CYS A 43 -4.44 -11.99 10.17
N VAL A 44 -4.69 -10.89 9.46
CA VAL A 44 -4.88 -9.57 10.14
C VAL A 44 -6.35 -9.43 10.61
N THR A 45 -6.55 -8.93 11.85
CA THR A 45 -7.91 -8.67 12.34
C THR A 45 -7.96 -7.25 12.86
N PHE A 46 -9.01 -6.52 12.44
CA PHE A 46 -9.23 -5.16 12.92
C PHE A 46 -10.26 -5.18 14.04
N ILE A 47 -9.94 -4.54 15.17
CA ILE A 47 -10.84 -4.57 16.34
C ILE A 47 -11.08 -3.16 16.83
N GLU A 48 -12.30 -2.87 17.31
CA GLU A 48 -12.52 -1.55 17.90
C GLU A 48 -11.58 -1.30 19.09
N ARG A 49 -10.98 -0.12 19.12
CA ARG A 49 -10.06 0.20 20.20
C ARG A 49 -10.79 0.12 21.55
N SER A 50 -10.14 -0.40 22.57
CA SER A 50 -10.66 -0.30 23.94
C SER A 50 -9.77 0.64 24.75
N ASP A 51 -8.59 0.18 25.08
CA ASP A 51 -7.65 0.95 25.91
C ASP A 51 -6.26 1.06 25.31
N GLU A 52 -6.09 0.60 24.07
CA GLU A 52 -4.75 0.55 23.49
C GLU A 52 -4.18 1.94 23.30
N GLU A 53 -2.86 2.08 23.51
CA GLU A 53 -2.21 3.35 23.30
C GLU A 53 -2.03 3.61 21.81
N SER A 54 -1.73 2.54 21.03
CA SER A 54 -1.45 2.66 19.61
C SER A 54 -2.56 2.00 18.79
N TYR A 55 -3.08 2.76 17.83
CA TYR A 55 -4.26 2.33 17.05
C TYR A 55 -4.37 3.26 15.86
N ILE A 56 -5.21 2.90 14.89
CA ILE A 56 -5.43 3.75 13.73
C ILE A 56 -6.71 4.52 13.89
N VAL A 57 -6.74 5.76 13.34
CA VAL A 57 -7.94 6.57 13.45
C VAL A 57 -8.24 7.07 12.07
N PHE A 58 -9.46 6.84 11.63
CA PHE A 58 -9.89 7.36 10.31
C PHE A 58 -10.29 8.80 10.49
N THR A 59 -9.73 9.66 9.66
CA THR A 59 -9.93 11.09 9.85
C THR A 59 -10.00 11.77 8.49
N TYR A 60 -10.93 12.71 8.30
CA TYR A 60 -11.23 13.37 7.04
C TYR A 60 -10.08 14.25 6.59
N ARG A 61 -8.95 14.18 7.26
CA ARG A 61 -7.79 15.04 7.02
C ARG A 61 -7.36 14.99 5.56
N CYS A 66 -0.20 9.79 1.66
CA CYS A 66 -0.38 8.41 2.15
C CYS A 66 -0.10 8.22 3.65
N SER A 67 -0.75 7.22 4.22
CA SER A 67 -0.61 6.81 5.64
C SER A 67 0.84 6.42 6.03
N TYR A 68 1.16 6.60 7.32
CA TYR A 68 2.33 5.95 7.93
C TYR A 68 2.35 4.46 7.63
N VAL A 69 3.56 3.92 7.44
CA VAL A 69 3.71 2.51 7.07
C VAL A 69 4.02 1.65 8.32
N GLY A 70 3.11 0.74 8.62
CA GLY A 70 3.24 -0.11 9.78
C GLY A 70 2.81 0.60 11.04
N ARG A 71 3.11 -0.02 12.18
CA ARG A 71 2.70 0.50 13.49
C ARG A 71 3.72 1.56 13.97
N ARG A 72 3.29 2.81 14.13
CA ARG A 72 4.27 3.84 14.62
C ARG A 72 4.64 3.62 16.08
N GLY A 73 3.65 3.25 16.90
CA GLY A 73 3.87 3.03 18.33
C GLY A 73 3.74 4.33 19.11
N ASN A 74 3.66 4.21 20.42
CA ASN A 74 3.51 5.40 21.30
C ASN A 74 2.37 6.37 20.98
N GLY A 75 1.28 5.88 20.39
CA GLY A 75 0.13 6.75 20.15
C GLY A 75 -0.63 6.41 18.90
N PRO A 76 -1.72 7.16 18.66
CA PRO A 76 -2.52 6.94 17.43
C PRO A 76 -1.81 7.35 16.17
N GLN A 77 -2.29 6.81 15.05
CA GLN A 77 -1.84 7.25 13.75
C GLN A 77 -3.05 7.35 12.81
N ALA A 78 -3.01 8.34 11.94
CA ALA A 78 -4.10 8.59 11.04
C ALA A 78 -4.05 7.71 9.84
N ILE A 79 -5.23 7.33 9.41
CA ILE A 79 -5.46 6.86 8.10
C ILE A 79 -6.35 8.00 7.57
N SER A 80 -5.73 8.94 6.86
CA SER A 80 -6.36 10.22 6.55
C SER A 80 -6.94 10.22 5.14
N ILE A 81 -8.20 9.82 5.10
CA ILE A 81 -9.10 9.95 3.96
C ILE A 81 -9.26 11.43 3.60
N ASN A 84 -12.07 13.82 -2.81
CA ASN A 84 -12.50 12.82 -3.80
C ASN A 84 -11.93 11.40 -3.62
N CYS A 85 -11.12 11.20 -2.58
CA CYS A 85 -10.43 9.92 -2.34
C CYS A 85 -11.24 8.98 -1.45
N ASP A 86 -12.54 8.99 -1.66
CA ASP A 86 -13.48 8.48 -0.70
C ASP A 86 -14.01 7.08 -1.10
N LYS A 87 -13.15 6.29 -1.75
CA LYS A 87 -13.57 5.04 -2.40
C LYS A 87 -12.89 3.80 -1.82
N PHE A 88 -13.56 2.66 -1.96
CA PHE A 88 -13.10 1.42 -1.35
C PHE A 88 -11.64 1.11 -1.66
N GLY A 89 -11.28 1.10 -2.94
CA GLY A 89 -9.91 0.72 -3.31
C GLY A 89 -8.83 1.67 -2.77
N ILE A 90 -9.16 2.95 -2.63
CA ILE A 90 -8.23 3.91 -2.03
C ILE A 90 -8.01 3.55 -0.56
N VAL A 91 -9.09 3.23 0.13
CA VAL A 91 -8.95 2.85 1.54
C VAL A 91 -8.19 1.50 1.69
N VAL A 92 -8.44 0.55 0.78
CA VAL A 92 -7.67 -0.71 0.84
C VAL A 92 -6.16 -0.41 0.66
N HIS A 93 -5.81 0.54 -0.23
CA HIS A 93 -4.41 0.94 -0.41
C HIS A 93 -3.85 1.52 0.89
N GLU A 94 -4.61 2.45 1.51
CA GLU A 94 -4.10 3.12 2.73
C GLU A 94 -3.92 2.04 3.84
N LEU A 95 -4.87 1.08 3.92
CA LEU A 95 -4.73 -0.01 4.88
C LEU A 95 -3.50 -0.85 4.59
N GLY A 96 -3.13 -0.97 3.32
CA GLY A 96 -1.85 -1.65 3.01
C GLY A 96 -0.67 -0.94 3.65
N HIS A 97 -0.66 0.39 3.61
CA HIS A 97 0.35 1.13 4.38
C HIS A 97 0.29 0.77 5.87
N VAL A 98 -0.90 0.87 6.46
CA VAL A 98 -1.02 0.55 7.89
C VAL A 98 -0.37 -0.82 8.24
N ILE A 99 -0.69 -1.84 7.42
CA ILE A 99 -0.27 -3.22 7.68
C ILE A 99 1.27 -3.36 7.54
N GLY A 100 1.90 -2.52 6.70
CA GLY A 100 3.37 -2.53 6.64
C GLY A 100 3.95 -2.47 5.23
N PHE A 101 3.17 -2.08 4.23
CA PHE A 101 3.69 -1.99 2.85
C PHE A 101 3.97 -0.58 2.41
N TRP A 102 5.18 -0.38 1.86
CA TRP A 102 5.47 0.83 1.09
C TRP A 102 4.93 0.70 -0.36
N HIS A 103 5.11 1.74 -1.17
CA HIS A 103 4.68 1.60 -2.61
C HIS A 103 5.53 0.58 -3.37
N GLU A 104 4.86 -0.22 -4.20
CA GLU A 104 5.53 -1.31 -4.90
C GLU A 104 6.71 -0.83 -5.75
N HIS A 105 6.56 0.34 -6.41
CA HIS A 105 7.59 0.79 -7.36
C HIS A 105 8.83 1.27 -6.64
N THR A 106 8.81 1.34 -5.29
CA THR A 106 9.99 1.71 -4.52
C THR A 106 10.76 0.51 -3.98
N ARG A 107 10.34 -0.71 -4.36
CA ARG A 107 11.14 -1.90 -4.03
C ARG A 107 12.60 -1.71 -4.44
N PRO A 108 13.51 -2.19 -3.60
CA PRO A 108 14.92 -2.09 -3.97
C PRO A 108 15.30 -2.71 -5.32
N ASP A 109 14.57 -3.74 -5.76
CA ASP A 109 14.80 -4.41 -7.05
C ASP A 109 13.95 -3.85 -8.19
N ARG A 110 13.33 -2.68 -8.01
CA ARG A 110 12.30 -2.22 -8.98
C ARG A 110 12.89 -1.93 -10.36
N ASP A 111 14.18 -1.61 -10.48
CA ASP A 111 14.73 -1.29 -11.82
C ASP A 111 14.72 -2.48 -12.78
N ASN A 112 14.52 -3.69 -12.26
CA ASN A 112 14.40 -4.87 -13.12
C ASN A 112 13.00 -4.97 -13.74
N HIS A 113 12.08 -4.07 -13.33
CA HIS A 113 10.67 -4.21 -13.64
C HIS A 113 9.99 -2.97 -14.20
N VAL A 114 10.48 -1.81 -13.81
CA VAL A 114 9.94 -0.54 -14.32
C VAL A 114 11.09 0.40 -14.58
N THR A 115 10.80 1.38 -15.44
CA THR A 115 11.66 2.56 -15.67
CA THR A 115 11.67 2.54 -15.58
C THR A 115 10.94 3.78 -15.10
N ILE A 116 11.62 4.58 -14.31
CA ILE A 116 11.07 5.87 -13.87
C ILE A 116 11.48 6.93 -14.89
N ILE A 117 10.51 7.67 -15.42
N ILE A 117 10.51 7.71 -15.37
CA ILE A 117 10.83 8.77 -16.37
CA ILE A 117 10.72 8.78 -16.35
C ILE A 117 10.83 10.06 -15.59
C ILE A 117 10.80 10.07 -15.56
N ARG A 118 11.99 10.35 -15.02
CA ARG A 118 12.16 11.47 -14.07
C ARG A 118 11.74 12.81 -14.66
N GLU A 119 12.03 13.05 -15.93
CA GLU A 119 11.73 14.35 -16.56
C GLU A 119 10.23 14.63 -16.64
N ASN A 120 9.41 13.59 -16.49
CA ASN A 120 7.98 13.80 -16.54
C ASN A 120 7.31 13.98 -15.17
N ILE A 121 8.10 13.91 -14.09
CA ILE A 121 7.56 14.10 -12.74
C ILE A 121 7.39 15.59 -12.44
N GLN A 122 6.25 15.94 -11.84
CA GLN A 122 6.06 17.30 -11.34
C GLN A 122 7.23 17.69 -10.43
N PRO A 123 7.91 18.82 -10.73
CA PRO A 123 9.03 19.22 -9.86
C PRO A 123 8.65 19.27 -8.38
N GLY A 124 9.52 18.72 -7.54
CA GLY A 124 9.27 18.65 -6.11
C GLY A 124 8.58 17.35 -5.67
N GLN A 125 8.13 16.54 -6.63
CA GLN A 125 7.50 15.24 -6.36
C GLN A 125 8.40 14.04 -6.66
N GLU A 126 9.65 14.28 -7.05
CA GLU A 126 10.54 13.17 -7.43
C GLU A 126 10.84 12.21 -6.28
N TYR A 127 10.80 12.74 -5.06
CA TYR A 127 11.09 11.90 -3.90
C TYR A 127 10.12 10.70 -3.79
N ASN A 128 8.91 10.83 -4.35
CA ASN A 128 7.93 9.73 -4.32
C ASN A 128 8.36 8.52 -5.14
N PHE A 129 9.42 8.71 -5.94
CA PHE A 129 9.88 7.69 -6.88
C PHE A 129 11.25 7.11 -6.50
N LEU A 130 11.77 7.54 -5.36
CA LEU A 130 13.06 6.96 -4.91
C LEU A 130 12.87 5.52 -4.44
N LYS A 131 13.89 4.70 -4.64
CA LYS A 131 13.92 3.36 -4.06
C LYS A 131 14.03 3.43 -2.54
N MET A 132 13.37 2.49 -1.86
CA MET A 132 13.62 2.29 -0.44
C MET A 132 15.05 1.76 -0.30
N GLU A 133 15.73 2.12 0.78
CA GLU A 133 17.03 1.52 1.10
C GLU A 133 16.88 0.01 1.30
N PRO A 134 17.89 -0.80 0.90
CA PRO A 134 17.68 -2.25 0.99
C PRO A 134 17.44 -2.74 2.41
N GLY A 135 17.98 -2.03 3.39
CA GLY A 135 17.76 -2.43 4.79
C GLY A 135 16.30 -2.26 5.25
N GLU A 136 15.49 -1.51 4.48
CA GLU A 136 14.14 -1.12 4.94
C GLU A 136 13.01 -1.95 4.35
N VAL A 137 13.32 -2.74 3.33
CA VAL A 137 12.34 -3.61 2.68
C VAL A 137 12.83 -5.03 2.60
N ASN A 138 11.99 -5.96 3.00
CA ASN A 138 12.22 -7.40 2.82
C ASN A 138 11.05 -7.93 2.01
N SER A 139 11.27 -8.23 0.73
CA SER A 139 10.20 -8.71 -0.14
C SER A 139 9.75 -10.13 0.17
N LEU A 140 10.47 -10.84 1.04
CA LEU A 140 10.04 -12.16 1.50
C LEU A 140 10.02 -13.19 0.36
N GLY A 141 10.88 -12.94 -0.64
CA GLY A 141 11.00 -13.85 -1.75
C GLY A 141 9.93 -13.65 -2.82
N GLU A 142 9.01 -12.69 -2.61
CA GLU A 142 7.92 -12.48 -3.56
C GLU A 142 8.36 -11.66 -4.77
N ARG A 143 7.92 -12.08 -5.96
CA ARG A 143 8.23 -11.35 -7.21
C ARG A 143 7.55 -9.95 -7.21
N TYR A 144 8.17 -9.00 -7.91
CA TYR A 144 7.60 -7.68 -8.12
C TYR A 144 6.19 -7.84 -8.66
N ASP A 145 5.25 -7.10 -8.08
CA ASP A 145 3.81 -7.30 -8.38
C ASP A 145 3.22 -6.08 -9.09
N PHE A 146 3.12 -6.15 -10.44
CA PHE A 146 2.51 -5.04 -11.18
C PHE A 146 1.03 -4.82 -10.81
N ASP A 147 0.36 -5.88 -10.34
CA ASP A 147 -1.06 -5.79 -10.03
CA ASP A 147 -1.07 -5.84 -10.02
C ASP A 147 -1.32 -5.33 -8.60
N SER A 148 -0.26 -5.03 -7.84
CA SER A 148 -0.45 -4.68 -6.42
C SER A 148 -1.36 -3.46 -6.25
N ILE A 149 -2.20 -3.52 -5.21
CA ILE A 149 -2.96 -2.34 -4.81
C ILE A 149 -2.05 -1.19 -4.34
N MET A 150 -0.77 -1.52 -4.11
CA MET A 150 0.23 -0.53 -3.67
C MET A 150 1.05 0.05 -4.81
N HIS A 151 0.75 -0.32 -6.05
CA HIS A 151 1.52 0.18 -7.21
C HIS A 151 0.94 1.50 -7.74
N TYR A 152 1.78 2.51 -7.98
CA TYR A 152 1.33 3.74 -8.65
C TYR A 152 0.82 3.43 -10.07
N ALA A 153 0.01 4.34 -10.56
CA ALA A 153 -0.42 4.30 -11.97
C ALA A 153 0.72 4.83 -12.84
N ARG A 154 0.58 4.70 -14.15
CA ARG A 154 1.62 5.08 -15.11
C ARG A 154 1.90 6.58 -15.09
N ASN A 155 0.93 7.37 -14.61
CA ASN A 155 1.03 8.85 -14.68
C ASN A 155 0.86 9.52 -13.32
N THR A 156 1.08 8.79 -12.26
CA THR A 156 1.01 9.42 -10.95
C THR A 156 2.07 10.53 -10.85
N PHE A 157 1.66 11.68 -10.32
CA PHE A 157 2.55 12.85 -10.20
C PHE A 157 3.12 13.33 -11.55
N SER A 158 2.44 13.00 -12.65
CA SER A 158 2.89 13.47 -13.98
C SER A 158 2.67 14.98 -14.18
N ARG A 159 3.61 15.60 -14.86
CA ARG A 159 3.50 17.00 -15.20
C ARG A 159 2.56 17.30 -16.37
N GLY A 160 2.00 16.28 -17.02
CA GLY A 160 1.10 16.61 -18.11
C GLY A 160 0.36 15.48 -18.70
N MET A 161 -0.55 15.81 -19.62
CA MET A 161 -1.46 14.83 -20.23
C MET A 161 -0.73 13.86 -21.12
N PHE A 162 -0.97 12.57 -20.99
CA PHE A 162 -0.19 11.59 -21.76
C PHE A 162 1.33 11.37 -21.42
N LEU A 163 1.90 12.10 -20.47
CA LEU A 163 3.26 11.91 -20.03
C LEU A 163 3.34 10.91 -18.82
N ASP A 164 3.97 9.79 -19.07
CA ASP A 164 4.11 8.75 -18.04
C ASP A 164 5.29 9.08 -17.13
N THR A 165 5.11 8.76 -15.86
CA THR A 165 6.22 8.79 -14.89
C THR A 165 6.78 7.39 -14.61
N ILE A 166 6.00 6.34 -14.90
CA ILE A 166 6.44 4.96 -14.73
C ILE A 166 6.10 4.15 -15.97
N LEU A 167 7.13 3.48 -16.49
CA LEU A 167 6.99 2.65 -17.69
C LEU A 167 7.33 1.19 -17.31
N PRO A 168 6.31 0.32 -17.18
CA PRO A 168 6.63 -1.07 -16.86
C PRO A 168 7.39 -1.76 -17.99
N SER A 169 8.28 -2.67 -17.63
CA SER A 169 9.03 -3.51 -18.59
CA SER A 169 8.99 -3.38 -18.68
C SER A 169 8.09 -4.45 -19.32
N ARG A 170 8.36 -4.74 -20.58
CA ARG A 170 7.61 -5.77 -21.32
CA ARG A 170 7.60 -5.75 -21.33
C ARG A 170 7.92 -7.14 -20.79
N ASP A 171 6.89 -7.99 -20.73
CA ASP A 171 7.13 -9.42 -20.49
C ASP A 171 7.63 -10.12 -21.78
N ASP A 172 7.89 -11.43 -21.70
CA ASP A 172 8.37 -12.18 -22.88
C ASP A 172 7.37 -12.24 -24.02
N ASN A 173 6.09 -11.95 -23.74
CA ASN A 173 5.06 -11.83 -24.80
C ASN A 173 4.96 -10.44 -25.38
N GLY A 174 5.83 -9.56 -24.90
CA GLY A 174 5.90 -8.19 -25.35
C GLY A 174 4.84 -7.30 -24.74
N ILE A 175 4.16 -7.75 -23.68
CA ILE A 175 3.11 -6.92 -23.12
C ILE A 175 3.64 -6.18 -21.92
N ARG A 176 3.44 -4.87 -21.87
CA ARG A 176 3.71 -4.09 -20.63
C ARG A 176 2.52 -4.23 -19.72
N PRO A 177 2.75 -4.75 -18.50
CA PRO A 177 1.62 -4.98 -17.62
C PRO A 177 0.91 -3.65 -17.25
N ALA A 178 -0.40 -3.72 -17.06
CA ALA A 178 -1.16 -2.58 -16.51
C ALA A 178 -0.77 -2.35 -15.05
N ILE A 179 -0.72 -1.06 -14.65
CA ILE A 179 -0.38 -0.74 -13.25
C ILE A 179 -1.34 0.27 -12.67
N GLY A 180 -1.54 0.24 -11.34
CA GLY A 180 -2.31 1.30 -10.69
C GLY A 180 -3.75 0.96 -10.38
N GLN A 181 -4.14 -0.32 -10.49
CA GLN A 181 -5.52 -0.69 -10.18
C GLN A 181 -5.85 -0.38 -8.73
N ARG A 182 -7.08 0.06 -8.48
CA ARG A 182 -7.56 0.32 -7.13
C ARG A 182 -8.94 -0.32 -6.99
N THR A 183 -9.02 -1.71 -7.42
CA THR A 183 -10.31 -2.39 -7.29
CA THR A 183 -10.27 -2.50 -7.38
C THR A 183 -10.27 -3.50 -6.23
N ARG A 184 -9.14 -4.19 -6.07
CA ARG A 184 -9.08 -5.28 -5.09
C ARG A 184 -7.63 -5.66 -4.82
N LEU A 185 -7.40 -6.35 -3.70
CA LEU A 185 -6.08 -6.92 -3.43
C LEU A 185 -5.67 -7.88 -4.53
N SER A 186 -4.40 -7.80 -4.96
CA SER A 186 -3.89 -8.79 -5.91
C SER A 186 -3.55 -10.10 -5.18
N LYS A 187 -3.40 -11.17 -5.94
CA LYS A 187 -2.94 -12.44 -5.42
C LYS A 187 -1.59 -12.23 -4.74
N GLY A 188 -0.71 -11.41 -5.34
CA GLY A 188 0.58 -11.13 -4.72
C GLY A 188 0.49 -10.32 -3.43
N ASP A 189 -0.44 -9.36 -3.32
CA ASP A 189 -0.56 -8.61 -2.06
C ASP A 189 -0.93 -9.59 -0.92
N ILE A 190 -1.89 -10.47 -1.20
CA ILE A 190 -2.37 -11.48 -0.22
C ILE A 190 -1.24 -12.42 0.17
N ALA A 191 -0.54 -12.99 -0.82
CA ALA A 191 0.47 -13.98 -0.49
C ALA A 191 1.58 -13.30 0.34
N GLN A 192 1.93 -12.06 0.01
CA GLN A 192 3.01 -11.38 0.68
C GLN A 192 2.61 -10.94 2.11
N ALA A 193 1.36 -10.51 2.26
CA ALA A 193 0.90 -10.13 3.62
C ALA A 193 0.87 -11.37 4.54
N ARG A 194 0.48 -12.53 3.98
CA ARG A 194 0.47 -13.79 4.76
C ARG A 194 1.87 -14.14 5.26
N LYS A 195 2.87 -13.93 4.41
CA LYS A 195 4.27 -14.19 4.84
C LYS A 195 4.68 -13.16 5.91
N LEU A 196 4.36 -11.90 5.68
CA LEU A 196 4.75 -10.83 6.61
C LEU A 196 4.25 -11.06 8.04
N TYR A 197 3.01 -11.54 8.14
CA TYR A 197 2.36 -11.75 9.45
C TYR A 197 2.47 -13.21 9.93
N ARG A 198 3.26 -14.02 9.20
CA ARG A 198 3.52 -15.42 9.58
C ARG A 198 2.19 -16.17 9.81
N CYS A 199 1.25 -15.97 8.79
CA CYS A 199 -0.10 -16.55 8.96
C CYS A 199 -0.07 -18.07 8.82
N PRO A 200 -0.95 -18.77 9.52
CA PRO A 200 -1.00 -20.23 9.39
C PRO A 200 -1.42 -20.60 7.97
N ALA A 201 -0.93 -21.73 7.46
CA ALA A 201 -1.23 -22.17 6.07
C ALA A 201 -2.69 -22.58 5.86
#